data_4UNA
#
_entry.id   4UNA
#
_cell.length_a   106.517
_cell.length_b   70.153
_cell.length_c   106.704
_cell.angle_alpha   90.00
_cell.angle_beta   119.83
_cell.angle_gamma   90.00
#
_symmetry.space_group_name_H-M   'P 1 21 1'
#
loop_
_entity.id
_entity.type
_entity.pdbx_description
1 polymer 'HOMING ENDONUCLEASE I-DMOI'
2 polymer 25MER
3 polymer "5'-D(*CP*GP*CP*GP*CP*CP*GP*GP*AP*AP*CP*TP*TP*AP*C)-3'"
4 polymer "5'-D(*CP*CP*GP*GP*CP*AP*AP*GP*GP*C)-3'"
5 non-polymer 'MANGANESE (II) ION'
6 water water
#
loop_
_entity_poly.entity_id
_entity_poly.type
_entity_poly.pdbx_seq_one_letter_code
_entity_poly.pdbx_strand_id
1 'polypeptide(L)'
;AHNNENVSGISAYLLGLIIGDGGLYKLKYKGNRSEYRVVITQKSENLIKQHIAPLMQFLIDELNVKSKIQIVKGDTRYEL
RVSSKKLYYYFANMLERIRLFNMREQIAFIKGLYVAEGDKTLKRLRIWNKNKALLEIVSRWLNNLGVRNTIHLDDHRHGV
YVLNISLRDRIKFVHTILSSHLNPLPPEAAALEHHHHHH
;
A,D,G
2 'polydeoxyribonucleotide'
;(DG)(DC)(DC)(DT)(DT)(DG)(DC)(DC)(DG)(DG)(DG)(DT)(DA)(DA)(DG)(DT)(DT)(DC)(DC)(DG)
(DG)(DC)(DG)(DC)(DG)
;
B,E,H
3 'polydeoxyribonucleotide' (DC)(DG)(DC)(DG)(DC)(DC)(DG)(DG)(DA)(DA)(DC)(DT)(DT)(DA)(DC) C,F,I
4 'polydeoxyribonucleotide' (DC)(DC)(DG)(DG)(DC)(DA)(DA)(DG)(DG)(DC) K,M,O
#
# COMPACT_ATOMS: atom_id res chain seq x y z
N ASN A 4 -9.07 1.55 23.39
CA ASN A 4 -10.30 0.83 23.68
C ASN A 4 -10.06 -0.36 24.62
N GLU A 5 -10.72 -0.35 25.77
CA GLU A 5 -10.46 -1.36 26.80
C GLU A 5 -11.28 -2.65 26.67
N ASN A 6 -12.40 -2.61 25.96
CA ASN A 6 -13.17 -3.84 25.73
C ASN A 6 -12.49 -4.68 24.64
N VAL A 7 -11.92 -4.00 23.62
CA VAL A 7 -11.11 -4.66 22.61
C VAL A 7 -9.77 -5.16 23.19
N SER A 8 -9.12 -4.33 24.00
CA SER A 8 -7.85 -4.74 24.63
C SER A 8 -8.03 -6.00 25.50
N GLY A 9 -9.12 -6.07 26.26
CA GLY A 9 -9.39 -7.23 27.08
C GLY A 9 -9.74 -8.49 26.30
N ILE A 10 -10.66 -8.37 25.35
CA ILE A 10 -11.02 -9.52 24.52
C ILE A 10 -9.77 -10.02 23.79
N SER A 11 -8.94 -9.11 23.30
CA SER A 11 -7.65 -9.47 22.70
C SER A 11 -6.82 -10.35 23.62
N ALA A 12 -6.60 -9.84 24.82
CA ALA A 12 -5.79 -10.53 25.81
C ALA A 12 -6.35 -11.91 26.06
N TYR A 13 -7.67 -12.01 26.16
CA TYR A 13 -8.30 -13.30 26.40
C TYR A 13 -8.07 -14.27 25.24
N LEU A 14 -8.34 -13.82 24.02
CA LEU A 14 -8.08 -14.61 22.82
C LEU A 14 -6.60 -15.03 22.76
N LEU A 15 -5.72 -14.10 23.10
CA LEU A 15 -4.30 -14.36 23.09
C LEU A 15 -3.94 -15.47 24.11
N GLY A 16 -4.68 -15.55 25.20
CA GLY A 16 -4.53 -16.64 26.15
C GLY A 16 -4.86 -17.98 25.51
N LEU A 17 -5.96 -18.03 24.77
CA LEU A 17 -6.37 -19.26 24.08
C LEU A 17 -5.39 -19.65 22.96
N ILE A 18 -4.88 -18.64 22.26
CA ILE A 18 -3.97 -18.86 21.14
C ILE A 18 -2.65 -19.46 21.63
N ILE A 19 -2.00 -18.73 22.53
CA ILE A 19 -0.74 -19.18 23.10
C ILE A 19 -0.91 -20.54 23.74
N GLY A 20 -2.02 -20.74 24.43
CA GLY A 20 -2.28 -22.01 25.05
C GLY A 20 -2.63 -23.12 24.06
N ASP A 21 -3.74 -22.97 23.34
CA ASP A 21 -4.27 -24.09 22.56
C ASP A 21 -4.21 -23.93 21.05
N GLY A 22 -3.44 -22.95 20.57
CA GLY A 22 -3.29 -22.76 19.14
C GLY A 22 -1.90 -22.27 18.79
N GLY A 23 -1.86 -21.22 17.97
CA GLY A 23 -0.59 -20.59 17.64
C GLY A 23 -0.68 -19.49 16.59
N LEU A 24 0.49 -18.93 16.33
CA LEU A 24 0.62 -17.86 15.38
C LEU A 24 1.61 -18.35 14.33
N TYR A 25 1.14 -18.53 13.10
CA TYR A 25 1.99 -19.16 12.11
C TYR A 25 2.27 -18.25 10.92
N LYS A 26 3.55 -18.03 10.65
CA LYS A 26 3.99 -17.41 9.40
C LYS A 26 4.50 -18.49 8.47
N LEU A 27 3.70 -18.84 7.46
CA LEU A 27 3.99 -19.92 6.51
C LEU A 27 4.63 -19.42 5.20
N LYS A 28 5.58 -20.19 4.66
CA LYS A 28 6.12 -19.92 3.33
C LYS A 28 5.78 -21.07 2.37
N TYR A 29 5.13 -20.72 1.26
CA TYR A 29 4.75 -21.72 0.26
C TYR A 29 5.58 -21.57 -1.02
N LYS A 30 5.40 -22.52 -1.95
CA LYS A 30 6.13 -22.46 -3.21
C LYS A 30 5.62 -21.31 -4.06
N GLY A 31 6.54 -20.63 -4.73
CA GLY A 31 6.18 -19.60 -5.70
C GLY A 31 6.08 -18.24 -5.04
N ASN A 32 6.91 -18.04 -4.02
CA ASN A 32 6.89 -16.84 -3.19
C ASN A 32 5.54 -16.60 -2.52
N ARG A 33 4.69 -17.61 -2.50
CA ARG A 33 3.42 -17.50 -1.78
C ARG A 33 3.65 -17.63 -0.27
N SER A 34 2.75 -17.02 0.50
CA SER A 34 2.89 -16.97 1.94
C SER A 34 1.52 -17.09 2.61
N GLU A 35 1.53 -17.21 3.93
CA GLU A 35 0.31 -17.18 4.71
C GLU A 35 0.58 -16.90 6.21
N TYR A 36 -0.40 -16.27 6.85
CA TYR A 36 -0.27 -15.79 8.22
C TYR A 36 -1.49 -16.25 8.98
N ARG A 37 -1.28 -17.07 9.99
CA ARG A 37 -2.41 -17.72 10.66
C ARG A 37 -2.50 -17.47 12.16
N VAL A 38 -3.69 -17.06 12.57
CA VAL A 38 -4.10 -17.03 13.95
C VAL A 38 -5.00 -18.24 14.21
N VAL A 39 -4.54 -19.13 15.09
CA VAL A 39 -5.19 -20.43 15.31
C VAL A 39 -5.52 -20.67 16.78
N ILE A 40 -6.75 -21.10 17.05
CA ILE A 40 -7.16 -21.64 18.32
C ILE A 40 -7.79 -23.00 18.07
N THR A 41 -7.20 -24.06 18.59
CA THR A 41 -7.87 -25.34 18.50
C THR A 41 -8.54 -25.76 19.81
N GLN A 42 -9.54 -26.63 19.66
CA GLN A 42 -10.41 -27.01 20.77
C GLN A 42 -11.31 -28.17 20.39
N LYS A 43 -11.59 -29.06 21.36
CA LYS A 43 -12.40 -30.22 21.07
C LYS A 43 -13.89 -29.89 21.03
N SER A 44 -14.34 -29.05 21.96
CA SER A 44 -15.75 -28.75 22.06
C SER A 44 -16.27 -27.82 20.93
N GLU A 45 -17.06 -28.40 20.03
CA GLU A 45 -17.68 -27.65 18.93
C GLU A 45 -18.40 -26.39 19.42
N ASN A 46 -19.13 -26.55 20.51
CA ASN A 46 -19.95 -25.45 21.03
C ASN A 46 -19.12 -24.31 21.60
N LEU A 47 -18.03 -24.63 22.29
CA LEU A 47 -17.15 -23.60 22.80
C LEU A 47 -16.49 -22.83 21.64
N ILE A 48 -15.94 -23.59 20.70
CA ILE A 48 -15.41 -23.03 19.46
C ILE A 48 -16.40 -22.10 18.74
N LYS A 49 -17.58 -22.63 18.41
CA LYS A 49 -18.50 -21.89 17.53
C LYS A 49 -19.36 -20.88 18.27
N GLN A 50 -19.74 -21.16 19.51
CA GLN A 50 -20.70 -20.28 20.20
C GLN A 50 -20.07 -19.29 21.17
N HIS A 51 -18.82 -19.51 21.59
CA HIS A 51 -18.18 -18.56 22.50
C HIS A 51 -16.91 -17.93 21.93
N ILE A 52 -15.99 -18.76 21.44
CA ILE A 52 -14.74 -18.25 20.95
C ILE A 52 -14.91 -17.47 19.64
N ALA A 53 -15.54 -18.08 18.64
CA ALA A 53 -15.71 -17.45 17.31
C ALA A 53 -16.42 -16.10 17.38
N PRO A 54 -17.56 -16.00 18.10
CA PRO A 54 -18.15 -14.66 18.21
C PRO A 54 -17.22 -13.62 18.81
N LEU A 55 -16.26 -14.04 19.65
CA LEU A 55 -15.31 -13.09 20.22
C LEU A 55 -14.29 -12.66 19.17
N MET A 56 -13.75 -13.63 18.44
CA MET A 56 -12.80 -13.33 17.36
C MET A 56 -13.47 -12.51 16.27
N GLN A 57 -14.73 -12.84 16.02
CA GLN A 57 -15.50 -12.14 14.99
C GLN A 57 -15.64 -10.68 15.37
N PHE A 58 -15.93 -10.44 16.63
CA PHE A 58 -16.07 -9.08 17.12
C PHE A 58 -14.76 -8.31 16.95
N LEU A 59 -13.66 -8.92 17.40
CA LEU A 59 -12.34 -8.33 17.24
C LEU A 59 -11.99 -8.11 15.76
N ILE A 60 -12.26 -9.12 14.92
CA ILE A 60 -12.05 -8.95 13.47
C ILE A 60 -12.77 -7.71 12.91
N ASP A 61 -14.07 -7.59 13.19
CA ASP A 61 -14.85 -6.44 12.73
C ASP A 61 -14.26 -5.13 13.24
N GLU A 62 -13.90 -5.08 14.51
CA GLU A 62 -13.41 -3.84 15.09
C GLU A 62 -12.03 -3.45 14.56
N LEU A 63 -11.30 -4.42 14.01
CA LEU A 63 -9.97 -4.14 13.47
C LEU A 63 -10.05 -3.96 11.94
N ASN A 64 -11.26 -4.13 11.43
CA ASN A 64 -11.51 -4.21 10.00
C ASN A 64 -10.54 -5.15 9.29
N VAL A 65 -10.32 -6.28 9.91
CA VAL A 65 -9.76 -7.42 9.22
C VAL A 65 -10.93 -8.02 8.45
N LYS A 66 -10.71 -8.47 7.23
CA LYS A 66 -11.84 -8.93 6.44
C LYS A 66 -11.57 -10.35 5.98
N SER A 67 -10.63 -11.00 6.67
CA SER A 67 -10.45 -12.43 6.52
C SER A 67 -11.66 -13.11 7.14
N LYS A 68 -11.91 -14.34 6.74
CA LYS A 68 -12.99 -15.10 7.34
C LYS A 68 -12.53 -15.93 8.56
N ILE A 69 -13.46 -16.23 9.45
CA ILE A 69 -13.22 -17.21 10.49
C ILE A 69 -13.47 -18.61 9.94
N GLN A 70 -12.41 -19.29 9.53
CA GLN A 70 -12.50 -20.69 9.18
C GLN A 70 -12.63 -21.57 10.43
N ILE A 71 -13.51 -22.56 10.35
CA ILE A 71 -13.56 -23.62 11.35
C ILE A 71 -13.40 -24.96 10.65
N VAL A 72 -12.21 -25.52 10.78
CA VAL A 72 -11.87 -26.79 10.17
C VAL A 72 -12.03 -27.93 11.17
N LYS A 73 -12.94 -28.87 10.87
CA LYS A 73 -13.14 -30.04 11.71
C LYS A 73 -12.06 -31.06 11.41
N GLY A 74 -11.27 -31.39 12.41
CA GLY A 74 -10.17 -32.31 12.20
C GLY A 74 -10.37 -33.59 12.99
N ASP A 75 -9.47 -34.55 12.76
CA ASP A 75 -9.30 -35.74 13.59
C ASP A 75 -9.87 -35.62 15.00
N THR A 76 -9.08 -34.96 15.82
CA THR A 76 -9.24 -35.02 17.25
C THR A 76 -9.80 -33.74 17.81
N ARG A 77 -10.16 -32.81 16.91
CA ARG A 77 -10.36 -31.45 17.36
C ARG A 77 -10.78 -30.47 16.26
N TYR A 78 -11.59 -29.49 16.66
CA TYR A 78 -11.90 -28.36 15.82
C TYR A 78 -10.76 -27.35 15.81
N GLU A 79 -10.52 -26.75 14.63
CA GLU A 79 -9.54 -25.67 14.49
C GLU A 79 -10.21 -24.39 14.00
N LEU A 80 -10.27 -23.37 14.86
CA LEU A 80 -10.66 -22.04 14.43
C LEU A 80 -9.41 -21.37 13.88
N ARG A 81 -9.53 -20.86 12.66
CA ARG A 81 -8.39 -20.29 11.96
C ARG A 81 -8.76 -18.98 11.26
N VAL A 82 -7.89 -17.99 11.41
CA VAL A 82 -8.03 -16.75 10.68
C VAL A 82 -6.75 -16.54 9.90
N SER A 83 -6.91 -16.46 8.58
CA SER A 83 -5.79 -16.29 7.67
C SER A 83 -5.67 -14.80 7.34
N SER A 84 -4.67 -14.17 7.94
CA SER A 84 -4.61 -12.71 7.97
C SER A 84 -3.27 -12.19 8.48
N LYS A 85 -2.54 -11.51 7.60
CA LYS A 85 -1.27 -10.89 7.94
C LYS A 85 -1.48 -9.85 9.03
N LYS A 86 -2.56 -9.09 8.92
CA LYS A 86 -2.83 -8.00 9.86
C LYS A 86 -3.10 -8.54 11.28
N LEU A 87 -3.93 -9.56 11.36
CA LEU A 87 -4.33 -10.16 12.63
C LEU A 87 -3.18 -10.93 13.27
N TYR A 88 -2.41 -11.62 12.43
CA TYR A 88 -1.20 -12.30 12.88
C TYR A 88 -0.27 -11.30 13.59
N TYR A 89 0.10 -10.21 12.91
CA TYR A 89 0.97 -9.23 13.54
C TYR A 89 0.32 -8.51 14.73
N TYR A 90 -1.00 -8.33 14.67
CA TYR A 90 -1.69 -7.75 15.81
C TYR A 90 -1.43 -8.56 17.08
N PHE A 91 -1.56 -9.88 16.99
CA PHE A 91 -1.36 -10.71 18.17
C PHE A 91 0.13 -10.91 18.47
N ALA A 92 0.95 -10.99 17.43
CA ALA A 92 2.35 -11.26 17.67
C ALA A 92 3.01 -10.06 18.34
N ASN A 93 2.59 -8.86 17.98
CA ASN A 93 3.17 -7.67 18.58
C ASN A 93 2.64 -7.51 19.99
N MET A 94 1.40 -7.94 20.17
CA MET A 94 0.79 -7.88 21.47
C MET A 94 1.47 -8.90 22.40
N LEU A 95 1.88 -10.02 21.84
CA LEU A 95 2.60 -11.02 22.60
C LEU A 95 3.94 -10.45 23.08
N GLU A 96 4.65 -9.77 22.18
CA GLU A 96 5.96 -9.23 22.50
C GLU A 96 5.97 -8.24 23.66
N ARG A 97 4.84 -7.58 23.90
CA ARG A 97 4.75 -6.57 24.94
C ARG A 97 3.85 -7.07 26.07
N ILE A 98 3.82 -8.39 26.23
CA ILE A 98 3.00 -9.01 27.27
C ILE A 98 3.32 -8.45 28.67
N ARG A 99 4.59 -8.21 28.95
CA ARG A 99 4.99 -7.68 30.26
C ARG A 99 4.33 -6.35 30.60
N LEU A 100 4.02 -5.54 29.58
CA LEU A 100 3.40 -4.25 29.82
C LEU A 100 1.88 -4.33 29.99
N PHE A 101 1.33 -5.54 30.00
CA PHE A 101 -0.13 -5.69 30.16
C PHE A 101 -0.65 -4.99 31.43
N ASN A 102 -1.73 -4.24 31.29
CA ASN A 102 -2.36 -3.67 32.48
C ASN A 102 -3.22 -4.73 33.16
N MET A 103 -3.81 -4.37 34.31
CA MET A 103 -4.55 -5.32 35.11
C MET A 103 -5.75 -5.91 34.35
N ARG A 104 -6.31 -5.15 33.43
CA ARG A 104 -7.44 -5.63 32.65
C ARG A 104 -7.01 -6.76 31.72
N GLU A 105 -5.84 -6.56 31.11
CA GLU A 105 -5.28 -7.49 30.16
C GLU A 105 -4.70 -8.72 30.87
N GLN A 106 -4.12 -8.51 32.06
CA GLN A 106 -3.52 -9.63 32.78
C GLN A 106 -4.60 -10.65 33.13
N ILE A 107 -5.69 -10.16 33.72
CA ILE A 107 -6.76 -11.04 34.12
C ILE A 107 -7.37 -11.78 32.92
N ALA A 108 -7.58 -11.07 31.81
CA ALA A 108 -8.13 -11.69 30.62
C ALA A 108 -7.17 -12.75 30.04
N PHE A 109 -5.88 -12.43 30.02
CA PHE A 109 -4.88 -13.38 29.54
C PHE A 109 -4.87 -14.66 30.40
N ILE A 110 -4.89 -14.50 31.72
CA ILE A 110 -4.83 -15.64 32.63
C ILE A 110 -6.09 -16.48 32.48
N LYS A 111 -7.24 -15.82 32.37
CA LYS A 111 -8.49 -16.53 32.08
C LYS A 111 -8.43 -17.36 30.78
N GLY A 112 -7.92 -16.76 29.71
CA GLY A 112 -7.80 -17.48 28.45
C GLY A 112 -6.84 -18.65 28.56
N LEU A 113 -5.67 -18.37 29.12
CA LEU A 113 -4.66 -19.40 29.33
C LEU A 113 -5.25 -20.54 30.15
N TYR A 114 -6.05 -20.22 31.16
CA TYR A 114 -6.63 -21.27 32.01
C TYR A 114 -7.69 -22.07 31.28
N VAL A 115 -8.59 -21.40 30.55
CA VAL A 115 -9.52 -22.15 29.71
C VAL A 115 -8.76 -23.12 28.82
N ALA A 116 -7.62 -22.69 28.26
CA ALA A 116 -6.81 -23.62 27.43
C ALA A 116 -6.04 -24.68 28.23
N GLU A 117 -5.24 -24.27 29.21
CA GLU A 117 -4.21 -25.14 29.77
C GLU A 117 -4.47 -25.54 31.24
N GLY A 118 -5.59 -25.09 31.78
CA GLY A 118 -5.83 -25.20 33.21
C GLY A 118 -6.49 -26.49 33.65
N ASP A 119 -6.32 -26.78 34.94
CA ASP A 119 -7.04 -27.87 35.60
C ASP A 119 -8.52 -27.47 35.63
N LYS A 120 -9.35 -28.16 34.87
CA LYS A 120 -10.70 -27.66 34.69
C LYS A 120 -11.67 -28.24 35.71
N THR A 121 -11.26 -29.27 36.43
CA THR A 121 -12.08 -29.78 37.51
C THR A 121 -12.15 -28.80 38.68
N LEU A 122 -11.24 -27.84 38.71
CA LEU A 122 -11.10 -26.88 39.83
C LEU A 122 -10.86 -27.52 41.22
N LYS A 123 -10.80 -28.85 41.30
CA LYS A 123 -10.36 -29.55 42.51
C LYS A 123 -8.97 -29.05 42.91
N ARG A 124 -8.10 -28.93 41.91
CA ARG A 124 -6.85 -28.21 42.07
C ARG A 124 -6.79 -27.14 41.01
N LEU A 125 -5.97 -26.12 41.26
CA LEU A 125 -5.82 -25.01 40.37
C LEU A 125 -4.40 -25.01 39.80
N ARG A 126 -4.32 -25.38 38.53
CA ARG A 126 -3.05 -25.72 37.88
C ARG A 126 -3.02 -25.30 36.41
N ILE A 127 -1.93 -24.64 36.01
CA ILE A 127 -1.71 -24.33 34.61
C ILE A 127 -0.46 -25.02 34.12
N TRP A 128 -0.58 -25.78 33.03
CA TRP A 128 0.56 -26.50 32.45
C TRP A 128 1.17 -25.78 31.23
N ASN A 129 2.51 -25.75 31.17
CA ASN A 129 3.21 -25.25 29.97
C ASN A 129 4.72 -25.48 29.96
N LYS A 130 5.25 -25.80 28.78
CA LYS A 130 6.70 -25.92 28.62
C LYS A 130 7.40 -24.57 28.73
N ASN A 131 6.66 -23.49 28.57
CA ASN A 131 7.23 -22.15 28.57
C ASN A 131 7.33 -21.54 29.97
N LYS A 132 8.45 -21.79 30.65
CA LYS A 132 8.61 -21.36 32.03
C LYS A 132 8.52 -19.84 32.16
N ALA A 133 9.15 -19.12 31.22
CA ALA A 133 9.17 -17.65 31.29
C ALA A 133 7.77 -17.07 31.24
N LEU A 134 6.93 -17.67 30.41
CA LEU A 134 5.54 -17.25 30.33
C LEU A 134 4.87 -17.50 31.68
N LEU A 135 5.07 -18.68 32.24
CA LEU A 135 4.47 -18.98 33.54
C LEU A 135 5.00 -18.02 34.61
N GLU A 136 6.27 -17.66 34.56
CA GLU A 136 6.85 -16.78 35.58
C GLU A 136 6.20 -15.41 35.55
N ILE A 137 5.88 -14.93 34.35
CA ILE A 137 5.15 -13.68 34.18
C ILE A 137 3.76 -13.79 34.82
N VAL A 138 3.03 -14.84 34.46
CA VAL A 138 1.74 -15.13 35.09
C VAL A 138 1.85 -15.20 36.62
N SER A 139 2.92 -15.80 37.11
CA SER A 139 3.15 -15.93 38.56
C SER A 139 3.26 -14.55 39.24
N ARG A 140 4.01 -13.64 38.63
CA ARG A 140 4.20 -12.31 39.19
C ARG A 140 2.88 -11.54 39.22
N TRP A 141 2.16 -11.56 38.10
CA TRP A 141 0.81 -11.00 38.03
C TRP A 141 -0.12 -11.55 39.10
N LEU A 142 -0.08 -12.87 39.26
CA LEU A 142 -0.90 -13.53 40.26
C LEU A 142 -0.48 -13.09 41.67
N ASN A 143 0.83 -13.01 41.91
CA ASN A 143 1.32 -12.53 43.21
C ASN A 143 0.82 -11.11 43.51
N ASN A 144 0.93 -10.21 42.54
CA ASN A 144 0.29 -8.89 42.62
C ASN A 144 -1.22 -8.83 42.74
N LEU A 145 -1.91 -9.94 42.51
CA LEU A 145 -3.34 -9.95 42.67
C LEU A 145 -3.68 -10.68 43.97
N GLY A 146 -2.62 -10.97 44.73
CA GLY A 146 -2.75 -11.59 46.04
C GLY A 146 -3.12 -13.05 45.88
N VAL A 147 -2.61 -13.67 44.83
CA VAL A 147 -2.87 -15.09 44.64
C VAL A 147 -1.52 -15.80 44.64
N ARG A 148 -1.33 -16.64 45.64
CA ARG A 148 -0.08 -17.33 45.85
C ARG A 148 0.01 -18.56 44.97
N ASN A 149 1.23 -18.86 44.56
CA ASN A 149 1.44 -19.86 43.56
C ASN A 149 2.90 -20.26 43.50
N THR A 150 3.13 -21.46 43.02
CA THR A 150 4.48 -21.97 42.82
C THR A 150 4.62 -22.57 41.42
N ILE A 151 5.83 -22.53 40.89
CA ILE A 151 6.13 -23.13 39.61
C ILE A 151 7.13 -24.25 39.83
N HIS A 152 6.90 -25.39 39.21
CA HIS A 152 7.92 -26.42 39.17
C HIS A 152 7.71 -27.30 37.95
N LEU A 153 8.69 -28.16 37.67
CA LEU A 153 8.64 -29.09 36.56
C LEU A 153 7.75 -30.29 36.87
N ASP A 154 6.59 -30.36 36.23
CA ASP A 154 5.61 -31.39 36.48
C ASP A 154 5.92 -32.65 35.69
N ASP A 155 6.13 -32.49 34.39
CA ASP A 155 6.36 -33.61 33.50
C ASP A 155 7.81 -33.69 33.08
N HIS A 156 8.58 -34.52 33.79
CA HIS A 156 9.99 -34.71 33.47
C HIS A 156 10.18 -35.33 32.07
N ARG A 157 9.19 -36.09 31.59
CA ARG A 157 9.31 -36.70 30.27
C ARG A 157 9.31 -35.66 29.13
N HIS A 158 8.42 -34.68 29.21
CA HIS A 158 8.22 -33.74 28.11
C HIS A 158 8.66 -32.32 28.42
N GLY A 159 9.22 -32.11 29.59
CA GLY A 159 9.70 -30.79 29.97
C GLY A 159 8.58 -29.81 30.30
N VAL A 160 7.45 -30.32 30.75
CA VAL A 160 6.31 -29.46 31.03
C VAL A 160 6.24 -28.98 32.49
N TYR A 161 6.29 -27.67 32.66
CA TYR A 161 6.10 -27.04 33.94
C TYR A 161 4.61 -26.97 34.32
N VAL A 162 4.35 -26.87 35.61
CA VAL A 162 3.02 -26.53 36.11
C VAL A 162 3.14 -25.29 36.96
N LEU A 163 2.14 -24.40 36.87
CA LEU A 163 1.99 -23.31 37.86
C LEU A 163 0.83 -23.73 38.76
N ASN A 164 1.14 -23.98 40.03
CA ASN A 164 0.10 -24.39 40.98
C ASN A 164 -0.43 -23.20 41.76
N ILE A 165 -1.71 -22.89 41.60
CA ILE A 165 -2.33 -21.84 42.39
C ILE A 165 -2.68 -22.41 43.78
N SER A 166 -2.22 -21.74 44.82
CA SER A 166 -2.49 -22.18 46.19
C SER A 166 -4.00 -22.21 46.47
N LEU A 167 -4.51 -23.37 46.88
CA LEU A 167 -5.91 -23.46 47.30
C LEU A 167 -6.27 -22.48 48.46
N ARG A 168 -5.27 -22.01 49.20
CA ARG A 168 -5.51 -20.96 50.19
C ARG A 168 -6.06 -19.68 49.55
N ASP A 169 -5.74 -19.43 48.27
CA ASP A 169 -6.26 -18.24 47.61
C ASP A 169 -7.27 -18.63 46.55
N ARG A 170 -7.97 -19.73 46.81
CA ARG A 170 -8.94 -20.34 45.89
C ARG A 170 -10.00 -19.38 45.35
N ILE A 171 -10.77 -18.85 46.30
CA ILE A 171 -11.85 -17.93 46.02
C ILE A 171 -11.38 -16.70 45.25
N LYS A 172 -10.35 -16.01 45.74
CA LYS A 172 -9.87 -14.85 45.01
C LYS A 172 -9.49 -15.25 43.58
N PHE A 173 -8.79 -16.36 43.39
CA PHE A 173 -8.40 -16.76 42.03
C PHE A 173 -9.61 -17.03 41.15
N VAL A 174 -10.48 -17.95 41.56
CA VAL A 174 -11.62 -18.26 40.72
C VAL A 174 -12.50 -17.02 40.53
N HIS A 175 -12.85 -16.36 41.62
CA HIS A 175 -13.76 -15.24 41.53
C HIS A 175 -13.22 -14.04 40.75
N THR A 176 -11.92 -13.76 40.87
CA THR A 176 -11.32 -12.59 40.23
C THR A 176 -10.76 -12.88 38.83
N ILE A 177 -10.52 -14.14 38.52
CA ILE A 177 -9.88 -14.48 37.26
C ILE A 177 -10.77 -15.35 36.38
N LEU A 178 -11.16 -16.52 36.87
CA LEU A 178 -11.90 -17.46 36.05
C LEU A 178 -13.31 -16.98 35.74
N SER A 179 -14.05 -16.63 36.79
CA SER A 179 -15.44 -16.26 36.64
C SER A 179 -15.55 -14.75 36.75
N SER A 180 -14.78 -14.05 35.91
CA SER A 180 -14.80 -12.60 35.90
C SER A 180 -15.73 -12.15 34.78
N HIS A 181 -16.60 -11.19 35.07
CA HIS A 181 -17.59 -10.77 34.09
C HIS A 181 -17.03 -9.63 33.23
N LEU A 182 -15.76 -9.25 33.46
CA LEU A 182 -15.13 -8.11 32.75
C LEU A 182 -15.07 -8.37 31.26
N ASN A 183 -14.99 -7.28 30.48
CA ASN A 183 -15.02 -7.29 29.01
C ASN A 183 -15.71 -8.53 28.42
N PRO A 184 -17.06 -8.51 28.38
CA PRO A 184 -17.83 -9.73 28.03
C PRO A 184 -18.39 -9.52 26.65
N LEU A 185 -18.69 -10.53 25.81
CA LEU A 185 -19.18 -10.25 24.46
C LEU A 185 -20.18 -9.15 24.74
N PRO A 186 -19.92 -7.90 24.29
CA PRO A 186 -20.95 -6.89 24.55
C PRO A 186 -22.15 -7.37 23.75
N PRO A 187 -23.35 -6.80 23.95
CA PRO A 187 -24.39 -7.07 22.93
C PRO A 187 -25.67 -6.30 23.29
N ASN D 4 -4.65 27.09 -3.33
CA ASN D 4 -3.51 26.24 -3.66
C ASN D 4 -2.51 26.92 -4.61
N GLU D 5 -2.66 28.22 -4.79
CA GLU D 5 -1.55 29.06 -5.24
C GLU D 5 -1.05 29.74 -3.96
N ASN D 6 -1.79 29.47 -2.88
CA ASN D 6 -1.37 29.87 -1.54
C ASN D 6 -0.42 28.83 -0.98
N VAL D 7 -0.76 27.56 -1.09
CA VAL D 7 0.13 26.53 -0.56
C VAL D 7 1.39 26.41 -1.43
N SER D 8 1.29 26.72 -2.71
CA SER D 8 2.47 26.63 -3.55
C SER D 8 3.46 27.72 -3.14
N GLY D 9 2.95 28.89 -2.77
CA GLY D 9 3.81 29.97 -2.31
C GLY D 9 4.42 29.64 -0.95
N ILE D 10 3.61 29.09 -0.06
CA ILE D 10 4.07 28.80 1.28
C ILE D 10 5.14 27.71 1.19
N SER D 11 4.89 26.75 0.30
CA SER D 11 5.80 25.64 0.10
C SER D 11 7.15 26.13 -0.36
N ALA D 12 7.13 27.03 -1.34
CA ALA D 12 8.37 27.55 -1.90
C ALA D 12 9.14 28.37 -0.88
N TYR D 13 8.42 29.14 -0.07
CA TYR D 13 9.03 29.81 1.08
C TYR D 13 9.72 28.80 2.02
N LEU D 14 8.99 27.77 2.44
CA LEU D 14 9.57 26.77 3.33
C LEU D 14 10.76 26.06 2.69
N LEU D 15 10.68 25.85 1.38
CA LEU D 15 11.77 25.17 0.68
C LEU D 15 13.03 26.04 0.77
N GLY D 16 12.87 27.36 0.65
CA GLY D 16 13.98 28.28 0.80
C GLY D 16 14.63 28.17 2.18
N LEU D 17 13.81 28.09 3.23
CA LEU D 17 14.33 27.93 4.59
C LEU D 17 14.98 26.55 4.77
N ILE D 18 14.36 25.51 4.21
CA ILE D 18 14.85 24.16 4.33
C ILE D 18 16.19 24.01 3.67
N ILE D 19 16.26 24.46 2.43
CA ILE D 19 17.49 24.36 1.67
C ILE D 19 18.57 25.25 2.29
N GLY D 20 18.19 26.43 2.75
CA GLY D 20 19.13 27.29 3.43
C GLY D 20 19.60 26.75 4.78
N ASP D 21 18.68 26.66 5.75
CA ASP D 21 19.07 26.43 7.13
C ASP D 21 18.63 25.09 7.72
N GLY D 22 18.25 24.15 6.87
CA GLY D 22 17.81 22.87 7.34
C GLY D 22 18.19 21.83 6.33
N GLY D 23 17.28 20.90 6.03
CA GLY D 23 17.55 19.92 5.01
C GLY D 23 16.48 18.84 4.90
N LEU D 24 16.70 17.93 3.99
CA LEU D 24 15.77 16.84 3.76
C LEU D 24 16.53 15.55 3.94
N TYR D 25 16.15 14.77 4.94
CA TYR D 25 16.97 13.62 5.29
C TYR D 25 16.24 12.32 5.16
N LYS D 26 16.87 11.39 4.47
CA LYS D 26 16.39 10.04 4.36
C LYS D 26 17.31 9.15 5.18
N LEU D 27 16.79 8.62 6.27
CA LEU D 27 17.62 7.93 7.24
C LEU D 27 17.37 6.42 7.33
N LYS D 28 18.45 5.70 7.55
CA LYS D 28 18.43 4.25 7.75
C LYS D 28 18.91 3.92 9.15
N TYR D 29 18.14 3.09 9.84
CA TYR D 29 18.48 2.73 11.18
C TYR D 29 18.70 1.24 11.29
N LYS D 30 19.24 0.81 12.43
CA LYS D 30 19.01 -0.54 12.91
C LYS D 30 17.50 -0.61 13.15
N GLY D 31 16.76 -1.43 12.42
CA GLY D 31 17.23 -2.25 11.32
C GLY D 31 16.04 -3.14 11.02
N ASN D 32 15.59 -3.23 9.77
CA ASN D 32 15.87 -2.23 8.74
C ASN D 32 14.91 -1.07 8.93
N ARG D 33 14.98 -0.37 10.06
CA ARG D 33 14.07 0.74 10.27
C ARG D 33 14.49 1.95 9.43
N SER D 34 13.61 2.94 9.27
CA SER D 34 13.97 4.11 8.50
C SER D 34 13.25 5.36 9.00
N GLU D 35 13.58 6.51 8.38
CA GLU D 35 12.91 7.76 8.73
C GLU D 35 13.15 8.79 7.63
N TYR D 36 12.17 9.68 7.44
CA TYR D 36 12.28 10.75 6.45
C TYR D 36 11.97 12.05 7.17
N ARG D 37 12.92 12.97 7.12
CA ARG D 37 12.80 14.21 7.86
C ARG D 37 12.85 15.44 6.98
N VAL D 38 11.98 16.37 7.32
CA VAL D 38 11.97 17.71 6.77
C VAL D 38 12.42 18.63 7.91
N VAL D 39 13.55 19.32 7.75
CA VAL D 39 14.14 20.10 8.84
C VAL D 39 14.44 21.56 8.50
N ILE D 40 14.14 22.45 9.43
CA ILE D 40 14.61 23.85 9.42
C ILE D 40 15.24 24.15 10.80
N THR D 41 16.52 24.55 10.85
CA THR D 41 17.08 24.96 12.12
C THR D 41 17.18 26.48 12.21
N GLN D 42 17.23 26.98 13.45
CA GLN D 42 17.26 28.42 13.73
C GLN D 42 17.53 28.68 15.23
N LYS D 43 18.30 29.72 15.53
CA LYS D 43 18.61 30.03 16.91
C LYS D 43 17.40 30.60 17.64
N SER D 44 16.70 31.54 17.00
CA SER D 44 15.55 32.20 17.62
C SER D 44 14.37 31.25 17.82
N GLU D 45 13.96 31.10 19.09
CA GLU D 45 12.78 30.31 19.45
C GLU D 45 11.51 30.93 18.87
N ASN D 46 11.43 32.25 18.90
CA ASN D 46 10.27 32.94 18.36
C ASN D 46 10.07 32.67 16.86
N LEU D 47 11.11 32.91 16.07
CA LEU D 47 10.96 32.75 14.63
C LEU D 47 10.48 31.33 14.32
N ILE D 48 11.10 30.33 14.91
CA ILE D 48 10.68 28.96 14.67
C ILE D 48 9.27 28.66 15.17
N LYS D 49 8.90 29.15 16.36
CA LYS D 49 7.60 28.80 16.91
C LYS D 49 6.47 29.68 16.39
N GLN D 50 6.78 30.94 16.13
CA GLN D 50 5.73 31.90 15.79
C GLN D 50 5.62 32.18 14.30
N HIS D 51 6.74 32.15 13.59
CA HIS D 51 6.69 32.46 12.17
C HIS D 51 6.71 31.19 11.31
N ILE D 52 7.66 30.31 11.57
CA ILE D 52 7.86 29.18 10.67
C ILE D 52 6.86 28.04 10.91
N ALA D 53 6.79 27.53 12.13
CA ALA D 53 5.90 26.43 12.50
C ALA D 53 4.43 26.64 12.08
N PRO D 54 3.89 27.87 12.24
CA PRO D 54 2.53 28.02 11.73
C PRO D 54 2.40 27.80 10.20
N LEU D 55 3.38 28.23 9.42
CA LEU D 55 3.38 27.96 7.98
C LEU D 55 3.50 26.45 7.69
N MET D 56 4.40 25.76 8.38
CA MET D 56 4.53 24.33 8.17
C MET D 56 3.25 23.58 8.54
N GLN D 57 2.63 24.00 9.64
CA GLN D 57 1.39 23.37 10.11
C GLN D 57 0.28 23.47 9.07
N PHE D 58 0.11 24.65 8.52
CA PHE D 58 -0.89 24.88 7.49
C PHE D 58 -0.66 23.92 6.33
N LEU D 59 0.59 23.84 5.87
CA LEU D 59 0.97 22.95 4.76
C LEU D 59 0.74 21.48 5.11
N ILE D 60 1.08 21.12 6.35
CA ILE D 60 0.86 19.78 6.85
CA ILE D 60 0.86 19.77 6.83
C ILE D 60 -0.62 19.39 6.77
N ASP D 61 -1.48 20.35 7.11
CA ASP D 61 -2.91 20.10 7.11
C ASP D 61 -3.48 20.07 5.69
N GLU D 62 -3.04 20.98 4.83
CA GLU D 62 -3.48 20.98 3.43
C GLU D 62 -3.13 19.69 2.69
N LEU D 63 -2.00 19.09 3.04
CA LEU D 63 -1.56 17.90 2.33
C LEU D 63 -2.07 16.67 3.02
N ASN D 64 -2.86 16.87 4.08
CA ASN D 64 -3.34 15.78 4.91
C ASN D 64 -2.23 14.84 5.38
N VAL D 65 -1.06 15.43 5.64
CA VAL D 65 0.04 14.76 6.32
C VAL D 65 -0.29 14.70 7.81
N LYS D 66 -0.08 13.57 8.45
CA LYS D 66 -0.53 13.49 9.84
C LYS D 66 0.64 13.33 10.81
N SER D 67 1.82 13.69 10.32
CA SER D 67 2.99 13.82 11.17
C SER D 67 2.84 15.10 11.99
N LYS D 68 3.53 15.16 13.12
CA LYS D 68 3.45 16.37 13.92
C LYS D 68 4.70 17.20 13.73
N ILE D 69 4.57 18.50 14.00
CA ILE D 69 5.72 19.37 14.02
C ILE D 69 6.43 19.18 15.35
N GLN D 70 7.66 18.64 15.28
CA GLN D 70 8.51 18.57 16.47
C GLN D 70 9.42 19.78 16.51
N ILE D 71 9.54 20.36 17.71
CA ILE D 71 10.55 21.36 17.99
C ILE D 71 11.52 20.79 19.02
N VAL D 72 12.75 20.53 18.58
CA VAL D 72 13.78 20.03 19.47
C VAL D 72 14.81 21.12 19.76
N LYS D 73 15.06 21.36 21.05
CA LYS D 73 16.07 22.33 21.47
C LYS D 73 17.46 21.72 21.51
N GLY D 74 18.39 22.30 20.76
CA GLY D 74 19.77 21.86 20.78
C GLY D 74 20.68 22.83 21.52
N ASP D 75 21.97 22.50 21.57
CA ASP D 75 22.99 23.37 22.16
C ASP D 75 22.99 24.79 21.56
N THR D 76 22.93 24.85 20.23
CA THR D 76 23.13 26.09 19.50
C THR D 76 21.94 26.54 18.66
N ARG D 77 20.88 25.74 18.59
CA ARG D 77 19.83 26.01 17.58
C ARG D 77 18.60 25.29 18.06
N TYR D 78 17.42 25.84 17.81
CA TYR D 78 16.24 25.01 17.77
C TYR D 78 16.15 24.27 16.44
N GLU D 79 15.63 23.03 16.48
CA GLU D 79 15.37 22.28 15.26
C GLU D 79 13.88 22.08 15.08
N LEU D 80 13.33 22.61 14.00
CA LEU D 80 11.96 22.28 13.63
C LEU D 80 11.99 21.07 12.72
N ARG D 81 11.26 20.03 13.11
CA ARG D 81 11.32 18.77 12.41
C ARG D 81 9.95 18.13 12.12
N VAL D 82 9.72 17.79 10.86
CA VAL D 82 8.60 16.90 10.51
C VAL D 82 9.11 15.57 9.99
N SER D 83 8.66 14.50 10.64
CA SER D 83 9.03 13.15 10.27
C SER D 83 7.93 12.57 9.41
N SER D 84 8.08 12.67 8.09
CA SER D 84 7.05 12.22 7.16
C SER D 84 7.59 11.90 5.78
N LYS D 85 7.54 10.63 5.41
CA LYS D 85 7.94 10.21 4.07
C LYS D 85 7.24 11.04 3.00
N LYS D 86 5.94 11.24 3.18
CA LYS D 86 5.16 12.04 2.28
C LYS D 86 5.64 13.50 2.15
N LEU D 87 5.87 14.18 3.27
CA LEU D 87 6.33 15.58 3.23
C LEU D 87 7.76 15.65 2.66
N TYR D 88 8.59 14.69 3.02
CA TYR D 88 9.94 14.56 2.47
C TYR D 88 9.94 14.56 0.95
N TYR D 89 9.20 13.64 0.32
CA TYR D 89 9.19 13.58 -1.16
C TYR D 89 8.39 14.75 -1.77
N TYR D 90 7.40 15.25 -1.04
CA TYR D 90 6.74 16.46 -1.45
C TYR D 90 7.78 17.56 -1.75
N PHE D 91 8.65 17.88 -0.78
CA PHE D 91 9.68 18.90 -0.96
C PHE D 91 10.85 18.49 -1.88
N ALA D 92 11.25 17.23 -1.84
CA ALA D 92 12.34 16.77 -2.68
C ALA D 92 11.97 16.84 -4.17
N ASN D 93 10.75 16.45 -4.50
CA ASN D 93 10.28 16.51 -5.90
C ASN D 93 10.16 17.96 -6.31
N MET D 94 9.67 18.79 -5.38
CA MET D 94 9.57 20.21 -5.64
C MET D 94 10.96 20.79 -5.93
N LEU D 95 11.98 20.32 -5.21
CA LEU D 95 13.35 20.81 -5.43
C LEU D 95 13.93 20.46 -6.82
N GLU D 96 13.62 19.27 -7.33
CA GLU D 96 14.10 18.88 -8.64
C GLU D 96 13.47 19.73 -9.74
N ARG D 97 12.21 20.08 -9.53
CA ARG D 97 11.45 20.87 -10.46
C ARG D 97 11.60 22.38 -10.21
N ILE D 98 12.69 22.77 -9.53
CA ILE D 98 12.86 24.19 -9.16
C ILE D 98 13.01 25.16 -10.34
N ARG D 99 13.65 24.73 -11.43
CA ARG D 99 13.78 25.57 -12.62
C ARG D 99 12.42 25.92 -13.24
N LEU D 100 11.40 25.10 -12.96
CA LEU D 100 10.06 25.34 -13.46
C LEU D 100 9.21 26.27 -12.56
N PHE D 101 9.77 26.72 -11.45
CA PHE D 101 9.05 27.63 -10.55
C PHE D 101 8.46 28.83 -11.30
N ASN D 102 7.20 29.14 -11.01
CA ASN D 102 6.56 30.32 -11.59
C ASN D 102 6.93 31.55 -10.77
N MET D 103 6.51 32.73 -11.22
CA MET D 103 6.96 33.99 -10.63
C MET D 103 6.69 34.04 -9.12
N ARG D 104 5.50 33.60 -8.73
CA ARG D 104 5.11 33.63 -7.33
C ARG D 104 6.01 32.73 -6.48
N GLU D 105 6.27 31.52 -6.97
CA GLU D 105 7.14 30.57 -6.27
C GLU D 105 8.60 31.06 -6.18
N GLN D 106 9.08 31.72 -7.24
CA GLN D 106 10.45 32.23 -7.27
C GLN D 106 10.67 33.27 -6.17
N ILE D 107 9.70 34.16 -6.02
CA ILE D 107 9.82 35.21 -5.02
C ILE D 107 9.75 34.63 -3.60
N ALA D 108 8.80 33.72 -3.38
CA ALA D 108 8.69 33.02 -2.12
C ALA D 108 9.99 32.29 -1.77
N PHE D 109 10.55 31.56 -2.73
CA PHE D 109 11.77 30.79 -2.49
C PHE D 109 12.95 31.70 -2.19
N ILE D 110 13.09 32.73 -3.00
CA ILE D 110 14.14 33.71 -2.78
C ILE D 110 13.99 34.35 -1.40
N LYS D 111 12.75 34.69 -1.05
CA LYS D 111 12.44 35.29 0.25
C LYS D 111 12.93 34.40 1.38
N GLY D 112 12.54 33.12 1.33
CA GLY D 112 12.89 32.12 2.33
C GLY D 112 14.38 31.84 2.41
N LEU D 113 15.02 31.71 1.25
CA LEU D 113 16.46 31.53 1.18
C LEU D 113 17.21 32.74 1.73
N TYR D 114 16.63 33.93 1.58
CA TYR D 114 17.28 35.11 2.11
C TYR D 114 17.17 35.14 3.64
N VAL D 115 16.01 34.78 4.17
CA VAL D 115 15.86 34.71 5.62
C VAL D 115 16.88 33.76 6.22
N ALA D 116 17.07 32.62 5.57
CA ALA D 116 18.05 31.66 6.00
C ALA D 116 19.47 32.19 5.82
N GLU D 117 19.82 32.58 4.60
CA GLU D 117 21.23 32.74 4.24
C GLU D 117 21.66 34.16 3.95
N GLY D 118 20.74 35.09 4.02
CA GLY D 118 21.01 36.44 3.55
C GLY D 118 21.62 37.38 4.56
N ASP D 119 22.18 38.49 4.04
CA ASP D 119 22.71 39.57 4.86
C ASP D 119 21.56 40.27 5.59
N LYS D 120 21.43 40.03 6.89
CA LYS D 120 20.26 40.52 7.61
C LYS D 120 20.33 42.01 8.04
N THR D 121 21.50 42.62 7.92
CA THR D 121 21.60 44.07 8.19
C THR D 121 20.94 44.90 7.08
N LEU D 122 20.81 44.30 5.90
CA LEU D 122 20.31 44.98 4.67
C LEU D 122 21.15 46.22 4.25
N LYS D 123 22.19 46.55 5.03
CA LYS D 123 23.21 47.51 4.61
C LYS D 123 23.82 47.02 3.31
N ARG D 124 24.00 45.70 3.23
CA ARG D 124 24.39 45.05 1.99
C ARG D 124 23.39 43.95 1.69
N LEU D 125 23.33 43.52 0.44
CA LEU D 125 22.37 42.50 0.04
C LEU D 125 23.10 41.28 -0.51
N ARG D 126 23.33 40.30 0.37
CA ARG D 126 24.15 39.13 0.07
C ARG D 126 23.50 37.80 0.48
N ILE D 127 23.60 36.82 -0.41
CA ILE D 127 23.19 35.46 -0.12
C ILE D 127 24.37 34.51 -0.28
N TRP D 128 24.69 33.79 0.79
CA TRP D 128 25.80 32.85 0.80
C TRP D 128 25.38 31.39 0.62
N ASN D 129 26.14 30.65 -0.17
CA ASN D 129 25.95 29.21 -0.29
C ASN D 129 27.11 28.54 -1.00
N LYS D 130 27.36 27.28 -0.70
CA LYS D 130 28.38 26.53 -1.42
C LYS D 130 27.83 25.99 -2.72
N ASN D 131 26.51 26.00 -2.85
CA ASN D 131 25.83 25.53 -4.07
C ASN D 131 25.78 26.59 -5.17
N LYS D 132 26.80 26.63 -6.02
CA LYS D 132 26.89 27.67 -7.05
C LYS D 132 25.72 27.59 -8.04
N ALA D 133 25.29 26.38 -8.35
CA ALA D 133 24.23 26.19 -9.33
C ALA D 133 22.93 26.77 -8.80
N LEU D 134 22.70 26.61 -7.51
CA LEU D 134 21.48 27.12 -6.91
C LEU D 134 21.48 28.65 -6.96
N LEU D 135 22.63 29.25 -6.65
CA LEU D 135 22.74 30.70 -6.69
C LEU D 135 22.52 31.23 -8.12
N GLU D 136 23.07 30.54 -9.11
CA GLU D 136 22.90 30.95 -10.51
C GLU D 136 21.44 30.94 -10.95
N ILE D 137 20.70 29.93 -10.52
CA ILE D 137 19.25 29.88 -10.76
C ILE D 137 18.60 31.14 -10.20
N VAL D 138 18.86 31.42 -8.93
CA VAL D 138 18.32 32.60 -8.27
C VAL D 138 18.75 33.86 -9.00
N SER D 139 19.99 33.87 -9.45
CA SER D 139 20.57 34.98 -10.19
C SER D 139 19.79 35.26 -11.47
N ARG D 140 19.43 34.21 -12.21
CA ARG D 140 18.64 34.39 -13.42
C ARG D 140 17.24 34.89 -13.09
N TRP D 141 16.66 34.40 -11.99
CA TRP D 141 15.35 34.87 -11.55
C TRP D 141 15.41 36.35 -11.20
N LEU D 142 16.46 36.75 -10.48
CA LEU D 142 16.62 38.14 -10.11
C LEU D 142 16.83 39.05 -11.34
N ASN D 143 17.63 38.60 -12.31
CA ASN D 143 17.79 39.37 -13.54
C ASN D 143 16.47 39.56 -14.26
N ASN D 144 15.71 38.48 -14.42
CA ASN D 144 14.40 38.59 -15.02
C ASN D 144 13.43 39.41 -14.14
N LEU D 145 13.80 39.66 -12.89
CA LEU D 145 12.98 40.52 -12.02
C LEU D 145 13.52 41.93 -11.98
N GLY D 146 14.53 42.20 -12.79
CA GLY D 146 15.11 43.53 -12.87
C GLY D 146 16.02 43.87 -11.70
N VAL D 147 16.49 42.85 -11.00
CA VAL D 147 17.46 43.07 -9.92
C VAL D 147 18.85 42.61 -10.35
N ARG D 148 19.74 43.58 -10.59
CA ARG D 148 21.10 43.25 -11.01
C ARG D 148 21.88 42.64 -9.86
N ASN D 149 22.82 41.75 -10.19
CA ASN D 149 23.54 41.00 -9.19
C ASN D 149 24.78 40.27 -9.74
N THR D 150 25.71 39.94 -8.87
CA THR D 150 26.91 39.20 -9.26
C THR D 150 27.07 37.94 -8.41
N ILE D 151 27.82 36.97 -8.92
CA ILE D 151 28.19 35.80 -8.11
C ILE D 151 29.70 35.65 -8.04
N HIS D 152 30.23 35.60 -6.83
CA HIS D 152 31.67 35.46 -6.65
C HIS D 152 31.95 34.42 -5.58
N LEU D 153 33.18 33.91 -5.57
CA LEU D 153 33.63 33.05 -4.49
C LEU D 153 34.07 33.95 -3.35
N ASP D 154 33.30 33.94 -2.26
CA ASP D 154 33.51 34.86 -1.16
C ASP D 154 34.44 34.26 -0.10
N ASP D 155 34.17 33.02 0.25
CA ASP D 155 35.00 32.28 1.20
C ASP D 155 35.88 31.26 0.49
N HIS D 156 37.16 31.58 0.35
CA HIS D 156 38.13 30.68 -0.29
C HIS D 156 38.46 29.47 0.61
N ARG D 157 38.22 29.61 1.90
CA ARG D 157 38.53 28.55 2.86
C ARG D 157 37.60 27.34 2.76
N HIS D 158 36.28 27.57 2.61
CA HIS D 158 35.34 26.47 2.56
C HIS D 158 34.56 26.34 1.26
N GLY D 159 34.88 27.17 0.27
CA GLY D 159 34.22 27.07 -1.01
C GLY D 159 32.84 27.68 -1.03
N VAL D 160 32.66 28.76 -0.28
CA VAL D 160 31.36 29.40 -0.19
C VAL D 160 31.25 30.59 -1.12
N TYR D 161 30.36 30.47 -2.09
CA TYR D 161 30.07 31.56 -3.01
C TYR D 161 29.08 32.55 -2.38
N VAL D 162 29.03 33.77 -2.90
CA VAL D 162 28.06 34.75 -2.46
C VAL D 162 27.38 35.33 -3.67
N LEU D 163 26.09 35.61 -3.54
CA LEU D 163 25.37 36.32 -4.58
C LEU D 163 25.20 37.73 -4.05
N ASN D 164 25.85 38.68 -4.70
CA ASN D 164 25.69 40.07 -4.30
C ASN D 164 24.62 40.75 -5.12
N ILE D 165 23.60 41.23 -4.42
CA ILE D 165 22.57 42.02 -5.06
C ILE D 165 23.04 43.47 -5.09
N SER D 166 23.05 44.08 -6.28
CA SER D 166 23.53 45.44 -6.46
C SER D 166 22.70 46.46 -5.69
N LEU D 167 23.39 47.28 -4.89
CA LEU D 167 22.75 48.30 -4.08
C LEU D 167 21.91 49.27 -4.91
N ARG D 168 22.24 49.35 -6.21
CA ARG D 168 21.47 50.12 -7.19
C ARG D 168 20.00 49.69 -7.26
N ASP D 169 19.72 48.43 -6.96
CA ASP D 169 18.35 47.95 -7.05
C ASP D 169 17.75 47.61 -5.68
N ARG D 170 18.43 48.07 -4.64
CA ARG D 170 18.01 47.89 -3.25
C ARG D 170 16.50 48.02 -3.03
N ILE D 171 15.91 49.10 -3.53
CA ILE D 171 14.48 49.34 -3.35
C ILE D 171 13.65 48.28 -4.08
N LYS D 172 14.07 47.92 -5.28
CA LYS D 172 13.31 46.96 -6.05
C LYS D 172 13.33 45.60 -5.36
N PHE D 173 14.52 45.14 -5.04
CA PHE D 173 14.70 43.85 -4.37
C PHE D 173 13.96 43.79 -3.02
N VAL D 174 14.13 44.81 -2.19
CA VAL D 174 13.53 44.77 -0.85
C VAL D 174 12.01 44.90 -0.87
N HIS D 175 11.49 45.76 -1.74
CA HIS D 175 10.06 46.03 -1.73
C HIS D 175 9.26 44.96 -2.45
N THR D 176 9.76 44.50 -3.59
CA THR D 176 8.96 43.63 -4.44
C THR D 176 9.24 42.15 -4.20
N ILE D 177 10.36 41.84 -3.54
CA ILE D 177 10.68 40.44 -3.26
C ILE D 177 10.65 40.12 -1.78
N LEU D 178 11.37 40.89 -0.96
CA LEU D 178 11.35 40.67 0.48
C LEU D 178 10.03 41.09 1.14
N SER D 179 9.37 42.10 0.58
CA SER D 179 8.12 42.60 1.16
C SER D 179 6.87 42.19 0.38
N SER D 180 6.95 41.07 -0.33
CA SER D 180 5.86 40.64 -1.21
C SER D 180 4.68 40.03 -0.44
N HIS D 181 3.51 40.65 -0.56
CA HIS D 181 2.31 40.22 0.15
C HIS D 181 1.53 39.10 -0.55
N LEU D 182 2.22 38.24 -1.30
CA LEU D 182 1.57 37.15 -2.01
C LEU D 182 1.92 35.79 -1.39
N ASN D 183 3.10 35.74 -0.79
CA ASN D 183 3.59 34.57 -0.07
C ASN D 183 3.86 35.06 1.36
N PRO D 184 4.24 34.15 2.28
CA PRO D 184 4.44 34.66 3.65
C PRO D 184 5.56 35.68 3.76
N LEU D 185 5.31 36.77 4.49
CA LEU D 185 6.35 37.77 4.70
C LEU D 185 7.17 37.41 5.93
N PRO D 186 8.49 37.59 5.82
CA PRO D 186 9.40 37.46 6.95
C PRO D 186 9.47 38.75 7.74
N PRO D 187 10.07 38.72 8.93
CA PRO D 187 10.35 39.96 9.67
C PRO D 187 11.66 40.64 9.24
N ASN G 4 -21.38 -10.24 -12.56
CA ASN G 4 -20.42 -11.34 -12.43
C ASN G 4 -20.29 -12.12 -13.73
N GLU G 5 -21.42 -12.36 -14.39
CA GLU G 5 -21.45 -13.20 -15.58
C GLU G 5 -21.73 -12.35 -16.84
N ASN G 6 -22.37 -11.21 -16.63
CA ASN G 6 -22.40 -10.16 -17.65
C ASN G 6 -20.99 -9.52 -17.69
N VAL G 7 -20.33 -9.48 -16.54
CA VAL G 7 -18.98 -8.93 -16.45
C VAL G 7 -17.93 -9.92 -16.99
N SER G 8 -18.12 -11.21 -16.70
CA SER G 8 -17.16 -12.21 -17.17
C SER G 8 -17.29 -12.43 -18.67
N GLY G 9 -18.50 -12.24 -19.20
CA GLY G 9 -18.75 -12.35 -20.63
C GLY G 9 -18.13 -11.21 -21.41
N ILE G 10 -18.44 -9.98 -21.04
CA ILE G 10 -17.78 -8.84 -21.66
C ILE G 10 -16.24 -8.92 -21.51
N SER G 11 -15.76 -9.41 -20.37
CA SER G 11 -14.31 -9.58 -20.14
C SER G 11 -13.65 -10.56 -21.12
N ALA G 12 -14.32 -11.67 -21.37
CA ALA G 12 -13.78 -12.68 -22.27
C ALA G 12 -13.79 -12.18 -23.72
N TYR G 13 -14.84 -11.49 -24.11
CA TYR G 13 -14.92 -10.85 -25.42
C TYR G 13 -13.80 -9.82 -25.62
N LEU G 14 -13.57 -8.97 -24.63
CA LEU G 14 -12.48 -8.00 -24.72
C LEU G 14 -11.11 -8.70 -24.75
N LEU G 15 -10.96 -9.79 -24.02
CA LEU G 15 -9.70 -10.50 -24.04
C LEU G 15 -9.46 -11.12 -25.44
N GLY G 16 -10.53 -11.52 -26.11
CA GLY G 16 -10.46 -11.96 -27.50
C GLY G 16 -9.87 -10.87 -28.37
N LEU G 17 -10.47 -9.68 -28.35
CA LEU G 17 -9.92 -8.56 -29.11
C LEU G 17 -8.47 -8.26 -28.69
N ILE G 18 -8.20 -8.32 -27.37
CA ILE G 18 -6.88 -7.96 -26.87
C ILE G 18 -5.83 -8.92 -27.43
N ILE G 19 -6.02 -10.22 -27.25
CA ILE G 19 -5.06 -11.24 -27.66
CA ILE G 19 -4.93 -11.08 -27.66
C ILE G 19 -4.92 -11.28 -29.17
N GLY G 20 -6.05 -11.08 -29.84
CA GLY G 20 -6.04 -11.06 -31.29
C GLY G 20 -5.41 -9.79 -31.86
N ASP G 21 -5.97 -8.63 -31.55
CA ASP G 21 -5.55 -7.40 -32.22
C ASP G 21 -4.77 -6.42 -31.34
N GLY G 22 -4.48 -6.77 -30.10
CA GLY G 22 -3.78 -5.82 -29.25
C GLY G 22 -2.72 -6.51 -28.43
N GLY G 23 -2.72 -6.26 -27.12
CA GLY G 23 -1.75 -6.89 -26.26
C GLY G 23 -1.82 -6.47 -24.80
N LEU G 24 -1.06 -7.17 -23.98
CA LEU G 24 -0.89 -6.83 -22.58
C LEU G 24 0.60 -6.55 -22.41
N TYR G 25 0.96 -5.30 -22.15
CA TYR G 25 2.36 -4.92 -22.14
C TYR G 25 2.78 -4.43 -20.75
N LYS G 26 3.80 -5.07 -20.20
CA LYS G 26 4.55 -4.70 -19.01
CA LYS G 26 4.55 -4.68 -19.00
C LYS G 26 5.84 -3.98 -19.40
N LEU G 27 5.84 -2.66 -19.32
CA LEU G 27 6.94 -1.82 -19.76
C LEU G 27 7.88 -1.34 -18.65
N LYS G 28 9.18 -1.42 -18.91
CA LYS G 28 10.17 -0.82 -18.04
C LYS G 28 10.87 0.32 -18.80
N TYR G 29 11.00 1.47 -18.15
CA TYR G 29 11.55 2.65 -18.81
C TYR G 29 12.85 3.15 -18.17
N LYS G 30 13.41 4.19 -18.77
CA LYS G 30 14.33 5.09 -18.08
C LYS G 30 13.49 5.89 -17.12
N GLY G 31 13.62 5.78 -15.80
CA GLY G 31 14.34 4.76 -15.07
C GLY G 31 14.10 5.17 -13.61
N ASN G 32 13.78 4.25 -12.70
CA ASN G 32 13.27 2.92 -12.98
C ASN G 32 11.76 2.99 -13.24
N ARG G 33 11.33 3.80 -14.20
CA ARG G 33 9.90 3.99 -14.42
C ARG G 33 9.22 2.78 -15.11
N SER G 34 7.89 2.75 -15.05
CA SER G 34 7.18 1.57 -15.51
C SER G 34 5.81 1.92 -16.02
N GLU G 35 5.17 0.94 -16.67
CA GLU G 35 3.83 1.10 -17.20
C GLU G 35 3.20 -0.26 -17.54
N TYR G 36 1.89 -0.34 -17.39
CA TYR G 36 1.16 -1.57 -17.66
C TYR G 36 0.05 -1.18 -18.60
N ARG G 37 0.03 -1.78 -19.79
CA ARG G 37 -0.91 -1.36 -20.81
C ARG G 37 -1.83 -2.50 -21.27
N VAL G 38 -3.12 -2.17 -21.33
CA VAL G 38 -4.11 -3.00 -21.98
C VAL G 38 -4.41 -2.35 -23.35
N VAL G 39 -4.16 -3.09 -24.42
CA VAL G 39 -4.24 -2.51 -25.77
C VAL G 39 -5.07 -3.36 -26.73
N ILE G 40 -5.99 -2.68 -27.43
CA ILE G 40 -6.64 -3.19 -28.63
C ILE G 40 -6.44 -2.19 -29.78
N THR G 41 -5.80 -2.61 -30.87
CA THR G 41 -5.70 -1.74 -32.07
C THR G 41 -6.68 -2.15 -33.17
N GLN G 42 -7.14 -1.16 -33.95
CA GLN G 42 -8.06 -1.37 -35.07
C GLN G 42 -8.01 -0.19 -36.03
N LYS G 43 -8.29 -0.47 -37.31
CA LYS G 43 -8.35 0.57 -38.33
C LYS G 43 -9.62 1.38 -38.20
N SER G 44 -10.74 0.68 -38.06
CA SER G 44 -12.06 1.29 -38.02
C SER G 44 -12.23 2.22 -36.80
N GLU G 45 -12.28 3.52 -37.06
CA GLU G 45 -12.43 4.51 -36.01
C GLU G 45 -13.73 4.29 -35.27
N ASN G 46 -14.77 3.95 -36.02
CA ASN G 46 -16.09 3.82 -35.46
C ASN G 46 -16.19 2.61 -34.56
N LEU G 47 -15.61 1.48 -34.99
CA LEU G 47 -15.73 0.25 -34.22
C LEU G 47 -15.09 0.45 -32.84
N ILE G 48 -13.97 1.16 -32.84
CA ILE G 48 -13.19 1.22 -31.63
C ILE G 48 -13.76 2.27 -30.68
N LYS G 49 -14.36 3.33 -31.22
CA LYS G 49 -14.94 4.37 -30.38
C LYS G 49 -16.40 4.11 -30.00
N GLN G 50 -17.13 3.39 -30.83
CA GLN G 50 -18.56 3.23 -30.58
C GLN G 50 -18.93 1.84 -30.08
N HIS G 51 -18.08 0.86 -30.34
CA HIS G 51 -18.35 -0.51 -29.94
C HIS G 51 -17.43 -0.94 -28.81
N ILE G 52 -16.14 -0.84 -29.02
CA ILE G 52 -15.20 -1.41 -28.09
C ILE G 52 -15.01 -0.52 -26.83
N ALA G 53 -14.72 0.75 -27.03
CA ALA G 53 -14.51 1.65 -25.92
C ALA G 53 -15.63 1.65 -24.87
N PRO G 54 -16.92 1.67 -25.28
CA PRO G 54 -17.94 1.69 -24.22
C PRO G 54 -17.95 0.44 -23.35
N LEU G 55 -17.64 -0.71 -23.95
CA LEU G 55 -17.52 -1.96 -23.22
C LEU G 55 -16.33 -1.94 -22.26
N MET G 56 -15.22 -1.36 -22.71
CA MET G 56 -14.03 -1.27 -21.88
C MET G 56 -14.31 -0.30 -20.73
N GLN G 57 -15.03 0.79 -21.04
CA GLN G 57 -15.44 1.74 -20.01
C GLN G 57 -16.28 1.05 -18.92
N PHE G 58 -17.20 0.18 -19.33
CA PHE G 58 -18.02 -0.53 -18.38
C PHE G 58 -17.17 -1.33 -17.44
N LEU G 59 -16.18 -2.00 -18.01
CA LEU G 59 -15.33 -2.87 -17.22
C LEU G 59 -14.48 -2.03 -16.25
N ILE G 60 -14.07 -0.85 -16.69
CA ILE G 60 -13.29 0.04 -15.86
C ILE G 60 -14.10 0.54 -14.66
N ASP G 61 -15.32 1.00 -14.94
CA ASP G 61 -16.24 1.43 -13.89
C ASP G 61 -16.45 0.31 -12.91
N GLU G 62 -16.74 -0.86 -13.46
CA GLU G 62 -17.08 -2.02 -12.67
C GLU G 62 -15.95 -2.46 -11.75
N LEU G 63 -14.71 -2.28 -12.20
CA LEU G 63 -13.55 -2.69 -11.42
C LEU G 63 -12.90 -1.56 -10.62
N ASN G 64 -13.53 -0.39 -10.61
CA ASN G 64 -12.96 0.83 -10.01
C ASN G 64 -11.54 1.15 -10.46
N VAL G 65 -11.22 0.84 -11.71
CA VAL G 65 -9.97 1.27 -12.32
C VAL G 65 -10.05 2.77 -12.56
N LYS G 66 -9.02 3.52 -12.18
CA LYS G 66 -9.16 4.98 -12.25
C LYS G 66 -8.54 5.49 -13.55
N SER G 67 -7.81 4.62 -14.22
CA SER G 67 -7.20 4.96 -15.51
C SER G 67 -8.23 5.38 -16.56
N LYS G 68 -7.81 6.19 -17.51
CA LYS G 68 -8.72 6.58 -18.58
C LYS G 68 -8.48 5.73 -19.82
N ILE G 69 -9.51 5.63 -20.64
CA ILE G 69 -9.35 5.02 -21.95
C ILE G 69 -8.62 6.02 -22.83
N GLN G 70 -7.49 5.63 -23.39
CA GLN G 70 -6.83 6.47 -24.37
C GLN G 70 -7.06 5.91 -25.76
N ILE G 71 -7.30 6.80 -26.72
CA ILE G 71 -7.39 6.43 -28.13
C ILE G 71 -6.35 7.23 -28.88
N VAL G 72 -5.29 6.52 -29.31
CA VAL G 72 -4.17 7.14 -29.99
C VAL G 72 -4.28 6.84 -31.49
N LYS G 73 -4.24 7.89 -32.31
CA LYS G 73 -4.37 7.73 -33.75
C LYS G 73 -3.01 7.56 -34.40
N GLY G 74 -2.72 6.33 -34.84
CA GLY G 74 -1.52 6.06 -35.61
C GLY G 74 -1.87 6.14 -37.08
N ASP G 75 -0.87 6.03 -37.95
CA ASP G 75 -1.15 6.22 -39.37
C ASP G 75 -1.97 5.09 -39.98
N THR G 76 -1.70 3.86 -39.55
CA THR G 76 -2.33 2.71 -40.16
C THR G 76 -3.45 2.13 -39.30
N ARG G 77 -3.70 2.74 -38.14
CA ARG G 77 -4.59 2.13 -37.14
C ARG G 77 -4.83 3.03 -35.91
N TYR G 78 -6.01 2.89 -35.32
CA TYR G 78 -6.29 3.46 -34.00
C TYR G 78 -5.90 2.50 -32.89
N GLU G 79 -5.20 3.01 -31.88
CA GLU G 79 -4.89 2.22 -30.69
C GLU G 79 -5.74 2.66 -29.49
N LEU G 80 -6.58 1.73 -29.02
CA LEU G 80 -7.23 1.89 -27.72
C LEU G 80 -6.30 1.39 -26.63
N ARG G 81 -6.05 2.21 -25.62
CA ARG G 81 -5.08 1.86 -24.58
C ARG G 81 -5.53 2.30 -23.18
N VAL G 82 -5.45 1.35 -22.26
CA VAL G 82 -5.66 1.63 -20.84
C VAL G 82 -4.36 1.37 -20.10
N SER G 83 -3.79 2.45 -19.56
CA SER G 83 -2.56 2.36 -18.79
C SER G 83 -2.93 2.05 -17.34
N SER G 84 -2.84 0.79 -16.95
CA SER G 84 -3.34 0.39 -15.63
C SER G 84 -2.83 -0.97 -15.17
N LYS G 85 -1.98 -0.95 -14.14
CA LYS G 85 -1.45 -2.18 -13.56
C LYS G 85 -2.59 -3.13 -13.18
N LYS G 86 -3.65 -2.58 -12.61
CA LYS G 86 -4.78 -3.37 -12.15
C LYS G 86 -5.51 -4.08 -13.33
N LEU G 87 -5.85 -3.29 -14.34
CA LEU G 87 -6.52 -3.85 -15.52
C LEU G 87 -5.61 -4.84 -16.23
N TYR G 88 -4.33 -4.52 -16.26
CA TYR G 88 -3.33 -5.42 -16.83
C TYR G 88 -3.40 -6.79 -16.17
N TYR G 89 -3.26 -6.86 -14.84
CA TYR G 89 -3.23 -8.16 -14.17
C TYR G 89 -4.59 -8.85 -14.24
N TYR G 90 -5.65 -8.08 -14.13
CA TYR G 90 -6.98 -8.60 -14.38
C TYR G 90 -7.02 -9.47 -15.66
N PHE G 91 -6.66 -8.90 -16.82
CA PHE G 91 -6.69 -9.69 -18.07
C PHE G 91 -5.60 -10.76 -18.10
N ALA G 92 -4.40 -10.41 -17.63
CA ALA G 92 -3.31 -11.38 -17.67
C ALA G 92 -3.64 -12.63 -16.82
N ASN G 93 -4.25 -12.42 -15.64
CA ASN G 93 -4.61 -13.55 -14.79
C ASN G 93 -5.76 -14.33 -15.42
N MET G 94 -6.63 -13.61 -16.13
CA MET G 94 -7.71 -14.28 -16.82
C MET G 94 -7.16 -15.11 -17.99
N LEU G 95 -6.13 -14.61 -18.66
CA LEU G 95 -5.51 -15.35 -19.77
C LEU G 95 -4.86 -16.65 -19.30
N GLU G 96 -4.20 -16.58 -18.14
CA GLU G 96 -3.61 -17.74 -17.48
C GLU G 96 -4.63 -18.82 -17.21
N ARG G 97 -5.86 -18.41 -16.90
CA ARG G 97 -6.92 -19.34 -16.56
C ARG G 97 -7.80 -19.73 -17.74
N ILE G 98 -7.34 -19.46 -18.96
CA ILE G 98 -8.21 -19.57 -20.10
C ILE G 98 -8.76 -21.00 -20.24
N ARG G 99 -7.97 -21.99 -19.85
CA ARG G 99 -8.40 -23.38 -19.98
C ARG G 99 -9.60 -23.74 -19.10
N LEU G 100 -10.01 -22.81 -18.23
CA LEU G 100 -11.12 -23.09 -17.33
C LEU G 100 -12.37 -22.27 -17.66
N PHE G 101 -12.29 -21.46 -18.71
CA PHE G 101 -13.46 -20.70 -19.17
C PHE G 101 -14.72 -21.58 -19.24
N ASN G 102 -15.84 -21.04 -18.77
CA ASN G 102 -17.13 -21.69 -18.93
C ASN G 102 -17.66 -21.44 -20.32
N MET G 103 -18.84 -21.97 -20.62
CA MET G 103 -19.37 -21.94 -21.97
C MET G 103 -19.67 -20.51 -22.42
N ARG G 104 -20.15 -19.67 -21.51
CA ARG G 104 -20.43 -18.27 -21.85
C ARG G 104 -19.14 -17.54 -22.16
N GLU G 105 -18.11 -17.80 -21.35
CA GLU G 105 -16.81 -17.18 -21.57
C GLU G 105 -16.17 -17.64 -22.89
N GLN G 106 -16.19 -18.95 -23.14
CA GLN G 106 -15.65 -19.53 -24.37
C GLN G 106 -16.22 -18.81 -25.58
N ILE G 107 -17.53 -18.69 -25.59
CA ILE G 107 -18.21 -18.16 -26.76
C ILE G 107 -17.83 -16.70 -26.94
N ALA G 108 -17.82 -15.98 -25.83
CA ALA G 108 -17.47 -14.57 -25.86
C ALA G 108 -16.07 -14.39 -26.44
N PHE G 109 -15.13 -15.17 -25.90
CA PHE G 109 -13.73 -15.10 -26.30
C PHE G 109 -13.55 -15.44 -27.79
N ILE G 110 -14.18 -16.52 -28.23
CA ILE G 110 -14.11 -16.90 -29.65
C ILE G 110 -14.72 -15.80 -30.51
N LYS G 111 -15.79 -15.18 -30.05
CA LYS G 111 -16.35 -14.09 -30.84
C LYS G 111 -15.39 -12.90 -30.93
N GLY G 112 -14.75 -12.55 -29.80
CA GLY G 112 -13.74 -11.49 -29.78
C GLY G 112 -12.56 -11.81 -30.67
N LEU G 113 -12.05 -13.03 -30.55
CA LEU G 113 -10.96 -13.48 -31.38
C LEU G 113 -11.34 -13.49 -32.90
N TYR G 114 -12.58 -13.85 -33.21
CA TYR G 114 -12.99 -13.87 -34.62
C TYR G 114 -13.12 -12.45 -35.17
N VAL G 115 -13.72 -11.56 -34.40
CA VAL G 115 -13.75 -10.15 -34.78
C VAL G 115 -12.34 -9.66 -35.12
N ALA G 116 -11.35 -10.00 -34.30
CA ALA G 116 -9.99 -9.52 -34.51
C ALA G 116 -9.32 -10.22 -35.70
N GLU G 117 -9.34 -11.55 -35.70
CA GLU G 117 -8.54 -12.25 -36.72
C GLU G 117 -9.29 -13.27 -37.60
N GLY G 118 -10.62 -13.15 -37.65
CA GLY G 118 -11.40 -14.10 -38.40
C GLY G 118 -11.51 -13.70 -39.86
N ASP G 119 -11.71 -14.69 -40.72
CA ASP G 119 -12.12 -14.45 -42.12
C ASP G 119 -13.45 -13.72 -42.12
N LYS G 120 -13.42 -12.44 -42.47
CA LYS G 120 -14.61 -11.61 -42.35
C LYS G 120 -15.45 -11.53 -43.64
N THR G 121 -15.06 -12.23 -44.70
CA THR G 121 -15.93 -12.33 -45.86
C THR G 121 -17.03 -13.37 -45.57
N LEU G 122 -16.81 -14.19 -44.54
CA LEU G 122 -17.67 -15.32 -44.15
C LEU G 122 -18.00 -16.32 -45.29
N LYS G 123 -17.47 -16.07 -46.50
CA LYS G 123 -17.44 -17.11 -47.54
C LYS G 123 -16.73 -18.34 -46.99
N ARG G 124 -15.59 -18.12 -46.36
CA ARG G 124 -14.96 -19.17 -45.57
C ARG G 124 -14.86 -18.73 -44.11
N LEU G 125 -14.76 -19.71 -43.21
CA LEU G 125 -14.73 -19.47 -41.77
C LEU G 125 -13.37 -19.85 -41.16
N ARG G 126 -12.47 -18.87 -41.09
CA ARG G 126 -11.10 -19.12 -40.65
C ARG G 126 -10.59 -18.14 -39.56
N ILE G 127 -9.69 -18.62 -38.71
CA ILE G 127 -9.03 -17.77 -37.70
C ILE G 127 -7.52 -17.95 -37.83
N TRP G 128 -6.79 -16.85 -37.98
CA TRP G 128 -5.34 -16.94 -38.11
C TRP G 128 -4.57 -16.59 -36.81
N ASN G 129 -3.51 -17.35 -36.52
CA ASN G 129 -2.61 -17.01 -35.41
C ASN G 129 -1.30 -17.78 -35.39
N LYS G 130 -0.24 -17.10 -34.93
CA LYS G 130 1.06 -17.76 -34.68
C LYS G 130 0.99 -18.73 -33.50
N ASN G 131 0.07 -18.47 -32.56
CA ASN G 131 -0.01 -19.22 -31.30
C ASN G 131 -0.82 -20.49 -31.49
N LYS G 132 -0.11 -21.58 -31.80
CA LYS G 132 -0.80 -22.84 -32.05
C LYS G 132 -1.60 -23.29 -30.85
N ALA G 133 -1.01 -23.10 -29.66
CA ALA G 133 -1.63 -23.57 -28.43
C ALA G 133 -2.95 -22.85 -28.23
N LEU G 134 -2.98 -21.56 -28.53
CA LEU G 134 -4.25 -20.85 -28.44
C LEU G 134 -5.31 -21.43 -29.40
N LEU G 135 -4.90 -21.72 -30.64
CA LEU G 135 -5.83 -22.29 -31.62
C LEU G 135 -6.32 -23.68 -31.16
N GLU G 136 -5.44 -24.50 -30.59
CA GLU G 136 -5.82 -25.83 -30.13
CA GLU G 136 -5.82 -25.83 -30.12
C GLU G 136 -6.91 -25.77 -29.07
N ILE G 137 -6.84 -24.76 -28.20
CA ILE G 137 -7.83 -24.59 -27.15
C ILE G 137 -9.16 -24.19 -27.75
N VAL G 138 -9.13 -23.22 -28.65
CA VAL G 138 -10.31 -22.80 -29.38
C VAL G 138 -10.90 -23.97 -30.18
N SER G 139 -10.02 -24.82 -30.70
CA SER G 139 -10.47 -25.95 -31.48
C SER G 139 -11.29 -26.92 -30.63
N ARG G 140 -10.79 -27.23 -29.44
CA ARG G 140 -11.49 -28.12 -28.52
C ARG G 140 -12.84 -27.56 -28.06
N TRP G 141 -12.88 -26.28 -27.67
CA TRP G 141 -14.14 -25.61 -27.39
C TRP G 141 -15.12 -25.72 -28.58
N LEU G 142 -14.66 -25.44 -29.79
CA LEU G 142 -15.53 -25.51 -30.96
C LEU G 142 -16.06 -26.93 -31.16
N ASN G 143 -15.20 -27.92 -30.96
CA ASN G 143 -15.60 -29.31 -31.17
C ASN G 143 -16.70 -29.68 -30.20
N ASN G 144 -16.55 -29.24 -28.96
CA ASN G 144 -17.51 -29.63 -27.93
C ASN G 144 -18.80 -28.80 -28.04
N LEU G 145 -18.74 -27.72 -28.80
CA LEU G 145 -19.93 -26.96 -29.16
C LEU G 145 -20.52 -27.47 -30.49
N GLY G 146 -19.96 -28.56 -31.00
CA GLY G 146 -20.48 -29.17 -32.22
C GLY G 146 -20.07 -28.43 -33.48
N VAL G 147 -18.94 -27.76 -33.43
CA VAL G 147 -18.41 -27.11 -34.63
C VAL G 147 -17.08 -27.77 -34.97
N ARG G 148 -17.05 -28.43 -36.13
CA ARG G 148 -15.88 -29.17 -36.58
C ARG G 148 -14.90 -28.23 -37.25
N ASN G 149 -13.63 -28.56 -37.14
CA ASN G 149 -12.58 -27.65 -37.54
C ASN G 149 -11.26 -28.36 -37.60
N THR G 150 -10.28 -27.70 -38.19
CA THR G 150 -8.95 -28.28 -38.38
C THR G 150 -7.91 -27.22 -38.21
N ILE G 151 -6.72 -27.61 -37.77
CA ILE G 151 -5.64 -26.65 -37.67
C ILE G 151 -4.44 -27.09 -38.51
N HIS G 152 -3.86 -26.17 -39.27
CA HIS G 152 -2.60 -26.46 -39.93
CA HIS G 152 -2.69 -26.43 -40.11
C HIS G 152 -1.78 -25.20 -40.11
N LEU G 153 -0.51 -25.39 -40.45
CA LEU G 153 0.38 -24.27 -40.69
C LEU G 153 0.05 -23.68 -42.05
N ASP G 154 -0.52 -22.48 -42.05
CA ASP G 154 -1.00 -21.83 -43.27
C ASP G 154 0.13 -21.05 -43.95
N ASP G 155 0.72 -20.11 -43.22
CA ASP G 155 1.75 -19.24 -43.76
C ASP G 155 3.15 -19.64 -43.30
N HIS G 156 3.89 -20.33 -44.17
CA HIS G 156 5.26 -20.71 -43.87
C HIS G 156 6.22 -19.51 -43.89
N ARG G 157 5.80 -18.36 -44.39
CA ARG G 157 6.70 -17.21 -44.33
C ARG G 157 6.83 -16.67 -42.90
N HIS G 158 5.76 -16.81 -42.12
CA HIS G 158 5.68 -16.15 -40.83
C HIS G 158 5.23 -17.07 -39.71
N GLY G 159 5.18 -18.37 -39.97
CA GLY G 159 4.77 -19.34 -38.96
C GLY G 159 3.34 -19.14 -38.46
N VAL G 160 2.46 -18.67 -39.34
CA VAL G 160 1.07 -18.42 -38.97
C VAL G 160 0.19 -19.66 -39.23
N TYR G 161 -0.40 -20.19 -38.16
CA TYR G 161 -1.35 -21.28 -38.28
C TYR G 161 -2.72 -20.71 -38.65
N VAL G 162 -3.58 -21.58 -39.17
CA VAL G 162 -4.98 -21.24 -39.39
C VAL G 162 -5.83 -22.31 -38.74
N LEU G 163 -6.93 -21.88 -38.15
CA LEU G 163 -7.99 -22.77 -37.73
C LEU G 163 -9.12 -22.64 -38.74
N ASN G 164 -9.44 -23.74 -39.42
CA ASN G 164 -10.51 -23.72 -40.42
C ASN G 164 -11.76 -24.29 -39.83
N ILE G 165 -12.81 -23.49 -39.76
CA ILE G 165 -14.09 -24.00 -39.30
C ILE G 165 -14.78 -24.65 -40.50
N SER G 166 -15.19 -25.91 -40.38
CA SER G 166 -15.78 -26.62 -41.52
C SER G 166 -17.08 -25.97 -41.96
N LEU G 167 -17.20 -25.74 -43.27
CA LEU G 167 -18.38 -25.09 -43.83
C LEU G 167 -19.65 -25.90 -43.59
N ARG G 168 -19.49 -27.19 -43.33
CA ARG G 168 -20.60 -28.07 -42.96
C ARG G 168 -21.34 -27.58 -41.73
N ASP G 169 -20.62 -26.94 -40.80
CA ASP G 169 -21.23 -26.50 -39.55
C ASP G 169 -21.32 -24.98 -39.47
N ARG G 170 -21.31 -24.37 -40.65
CA ARG G 170 -21.37 -22.93 -40.82
C ARG G 170 -22.50 -22.25 -40.06
N ILE G 171 -23.70 -22.79 -40.21
CA ILE G 171 -24.88 -22.18 -39.59
C ILE G 171 -24.79 -22.27 -38.07
N LYS G 172 -24.38 -23.43 -37.55
CA LYS G 172 -24.20 -23.57 -36.12
C LYS G 172 -23.14 -22.60 -35.60
N PHE G 173 -22.12 -22.34 -36.41
CA PHE G 173 -21.06 -21.47 -35.93
C PHE G 173 -21.54 -20.02 -35.90
N VAL G 174 -22.10 -19.57 -37.00
CA VAL G 174 -22.48 -18.17 -37.15
C VAL G 174 -23.56 -17.77 -36.13
N HIS G 175 -24.30 -18.74 -35.61
CA HIS G 175 -25.45 -18.41 -34.77
C HIS G 175 -25.25 -18.63 -33.27
N THR G 176 -24.35 -19.53 -32.91
CA THR G 176 -24.07 -19.76 -31.50
C THR G 176 -22.83 -18.98 -31.00
N ILE G 177 -21.92 -18.66 -31.93
CA ILE G 177 -20.74 -17.88 -31.59
C ILE G 177 -20.88 -16.42 -31.99
N LEU G 178 -20.97 -16.17 -33.28
CA LEU G 178 -20.95 -14.81 -33.79
C LEU G 178 -22.27 -14.09 -33.48
N SER G 179 -23.35 -14.85 -33.35
CA SER G 179 -24.67 -14.27 -33.08
C SER G 179 -25.18 -14.64 -31.69
#